data_8IEY
#
_entry.id   8IEY
#
_cell.length_a   97.719
_cell.length_b   97.719
_cell.length_c   132.204
_cell.angle_alpha   90.000
_cell.angle_beta   90.000
_cell.angle_gamma   120.000
#
_symmetry.space_group_name_H-M   'P 31 2 1'
#
loop_
_entity.id
_entity.type
_entity.pdbx_description
1 polymer 'tRNA N6-adenosine threonylcarbamoyltransferase'
2 polymer 'Gcp-like domain-containing protein'
3 non-polymer 'FE (III) ION'
4 non-polymer DI(HYDROXYETHYL)ETHER
5 water water
#
loop_
_entity_poly.entity_id
_entity_poly.type
_entity_poly.pdbx_seq_one_letter_code
_entity_poly.pdbx_strand_id
1 'polypeptide(L)'
;MRTLAVETS(CSO)DETALAIYDDQKGVLGNVILSQAVVHSPFGGVVPELSAREHTRNILPIFDRLLKESRINLEEIDFI
SFTLTPGLILSLVVGVAFAKALAYEYRKPLVPVHHLEGHIYSVFLEKKVEYPFLALIISGGHTDLYLVRDFGRYDFLGGT
LDDAVGEAYDKVAKMLGLGYPGGPIIDRLAKEGKKLYPLPKPLMEEGNLNFSFSGLKTAILNLLKKEKNVRKEDIAYSFQ
ETVVEILLEKSLWAMKKTGIKRLVVVGGVSANSRLREVFKKASQEYGFELYIPHPSLSTDNALMIAYAGMERFKRGVVAP
LDVNPQPNIPLEEFGRIWT
;
A
2 'polypeptide(L)'
;MKILSIDTSFSFINFSVIEEEKVTFLHYLKSNKKTLELLPKIFEELCIRPENFDAFAVSVGVGYLTSLRIGVTFVKTWAY
TLGKPVVSYKNLELLAKKTPVPFPKIPYLKVGSNVFYQIFEESSSSEVKVFKGEELRGYGISLKEFEDIKLGEKQFFHDI
FPFSAYGGIYAYEFLKENPEGENVFEIEPIYVKPPYHVKD
;
B
#
# COMPACT_ATOMS: atom_id res chain seq x y z
N MET A 1 23.91 10.80 4.83
CA MET A 1 23.26 9.50 4.92
C MET A 1 22.20 9.32 3.83
N ARG A 2 21.70 8.10 3.64
CA ARG A 2 20.71 7.87 2.61
C ARG A 2 19.75 6.76 2.98
N THR A 3 18.54 6.84 2.40
CA THR A 3 17.44 5.95 2.71
C THR A 3 16.77 5.50 1.42
N LEU A 4 16.26 4.27 1.44
CA LEU A 4 15.29 3.78 0.48
C LEU A 4 13.91 3.94 1.11
N ALA A 5 13.00 4.60 0.41
CA ALA A 5 11.68 4.91 0.91
C ALA A 5 10.64 4.12 0.13
N VAL A 6 9.60 3.69 0.81
CA VAL A 6 8.58 2.81 0.26
C VAL A 6 7.22 3.42 0.54
N GLU A 7 6.40 3.59 -0.50
CA GLU A 7 5.08 4.20 -0.37
C GLU A 7 4.09 3.37 -1.19
N THR A 8 3.14 2.72 -0.50
CA THR A 8 2.07 1.93 -1.12
C THR A 8 0.75 2.18 -0.41
N SER A 9 0.51 3.42 0.00
CA SER A 9 -0.65 3.70 0.86
C SER A 9 -1.97 3.79 0.13
N ASP A 11 -3.05 4.17 -4.35
CA ASP A 11 -3.07 3.50 -5.65
C ASP A 11 -1.82 3.77 -6.49
N GLU A 12 -0.72 4.18 -5.84
CA GLU A 12 0.56 4.35 -6.53
C GLU A 12 1.63 3.60 -5.78
N THR A 13 2.40 2.78 -6.52
CA THR A 13 3.57 2.12 -5.98
C THR A 13 4.77 3.03 -6.21
N ALA A 14 5.39 3.50 -5.14
CA ALA A 14 6.45 4.49 -5.23
C ALA A 14 7.64 4.02 -4.40
N LEU A 15 8.82 3.96 -5.05
CA LEU A 15 10.09 3.72 -4.37
C LEU A 15 11.06 4.83 -4.72
N ALA A 16 11.90 5.20 -3.75
CA ALA A 16 12.86 6.27 -4.00
C ALA A 16 14.10 6.04 -3.16
N ILE A 17 15.23 6.60 -3.62
CA ILE A 17 16.45 6.66 -2.81
C ILE A 17 16.82 8.13 -2.65
N TYR A 18 17.03 8.56 -1.41
CA TYR A 18 17.33 9.96 -1.14
C TYR A 18 18.57 10.02 -0.28
N ASP A 19 19.47 10.93 -0.63
CA ASP A 19 20.72 11.14 0.09
C ASP A 19 20.72 12.56 0.62
N ASP A 20 20.99 12.75 1.92
CA ASP A 20 20.83 14.11 2.42
C ASP A 20 21.98 15.03 2.04
N GLN A 21 23.04 14.50 1.41
CA GLN A 21 24.09 15.32 0.81
C GLN A 21 23.97 15.43 -0.70
N LYS A 22 23.65 14.31 -1.37
CA LYS A 22 23.63 14.28 -2.82
C LYS A 22 22.25 14.48 -3.42
N GLY A 23 21.17 14.45 -2.62
CA GLY A 23 19.86 14.64 -3.22
C GLY A 23 19.23 13.36 -3.72
N VAL A 24 18.41 13.46 -4.76
CA VAL A 24 17.68 12.30 -5.29
C VAL A 24 18.66 11.37 -5.99
N LEU A 25 18.75 10.14 -5.52
CA LEU A 25 19.55 9.13 -6.22
C LEU A 25 18.72 8.23 -7.11
N GLY A 26 17.45 8.07 -6.78
CA GLY A 26 16.54 7.29 -7.60
C GLY A 26 15.12 7.61 -7.21
N ASN A 27 14.21 7.39 -8.15
CA ASN A 27 12.82 7.76 -7.93
C ASN A 27 12.00 7.05 -9.00
N VAL A 28 11.11 6.16 -8.59
CA VAL A 28 10.28 5.41 -9.52
C VAL A 28 8.88 5.31 -8.96
N ILE A 29 7.89 5.50 -9.82
CA ILE A 29 6.49 5.42 -9.42
C ILE A 29 5.75 4.71 -10.54
N LEU A 30 4.66 4.02 -10.19
CA LEU A 30 3.73 3.43 -11.14
C LEU A 30 2.32 3.67 -10.60
N SER A 31 1.52 4.44 -11.34
CA SER A 31 0.16 4.69 -10.92
C SER A 31 -0.77 3.58 -11.38
N GLN A 32 -1.85 3.37 -10.62
CA GLN A 32 -2.87 2.39 -10.97
C GLN A 32 -4.12 3.05 -11.53
N ALA A 33 -4.02 4.29 -12.02
CA ALA A 33 -5.22 5.01 -12.47
C ALA A 33 -5.97 4.23 -13.55
N VAL A 34 -5.24 3.72 -14.53
CA VAL A 34 -5.86 3.03 -15.66
C VAL A 34 -6.70 1.86 -15.16
N VAL A 35 -6.19 1.11 -14.18
CA VAL A 35 -6.90 -0.08 -13.76
C VAL A 35 -8.14 0.26 -12.92
N HIS A 36 -8.10 1.34 -12.13
CA HIS A 36 -9.27 1.69 -11.33
C HIS A 36 -10.31 2.48 -12.12
N SER A 37 -9.88 3.15 -13.19
CA SER A 37 -10.78 3.99 -13.97
C SER A 37 -12.13 3.36 -14.28
N PRO A 38 -12.22 2.09 -14.74
CA PRO A 38 -13.55 1.54 -15.07
C PRO A 38 -14.49 1.46 -13.88
N PHE A 39 -14.00 1.38 -12.66
CA PHE A 39 -14.84 1.26 -11.48
C PHE A 39 -15.25 2.60 -10.89
N GLY A 40 -14.81 3.71 -11.47
CA GLY A 40 -15.17 5.01 -10.91
C GLY A 40 -14.52 5.33 -9.59
N GLY A 41 -13.57 4.51 -9.14
CA GLY A 41 -12.87 4.78 -7.90
C GLY A 41 -11.82 3.72 -7.67
N VAL A 42 -11.08 3.88 -6.56
CA VAL A 42 -10.07 2.91 -6.19
C VAL A 42 -10.77 1.70 -5.57
N VAL A 43 -10.55 0.52 -6.15
CA VAL A 43 -11.05 -0.74 -5.60
C VAL A 43 -9.97 -1.33 -4.69
N PRO A 44 -10.23 -1.47 -3.39
CA PRO A 44 -9.15 -1.87 -2.46
C PRO A 44 -8.44 -3.18 -2.79
N GLU A 45 -9.20 -4.26 -3.02
CA GLU A 45 -8.58 -5.56 -3.31
C GLU A 45 -7.71 -5.49 -4.55
N LEU A 46 -8.24 -4.91 -5.64
CA LEU A 46 -7.49 -4.79 -6.89
C LEU A 46 -6.21 -3.97 -6.69
N SER A 47 -6.30 -2.89 -5.92
CA SER A 47 -5.12 -2.10 -5.64
C SER A 47 -4.04 -2.93 -4.95
N ALA A 48 -4.43 -3.75 -3.97
CA ALA A 48 -3.48 -4.62 -3.27
C ALA A 48 -2.81 -5.59 -4.24
N ARG A 49 -3.59 -6.20 -5.14
CA ARG A 49 -2.99 -7.08 -6.14
C ARG A 49 -1.97 -6.35 -7.00
N GLU A 50 -2.28 -5.12 -7.40
CA GLU A 50 -1.37 -4.36 -8.27
C GLU A 50 -0.06 -4.03 -7.56
N HIS A 51 -0.13 -3.56 -6.32
CA HIS A 51 1.10 -3.34 -5.56
C HIS A 51 1.94 -4.61 -5.52
N THR A 52 1.32 -5.74 -5.16
CA THR A 52 2.06 -6.99 -5.10
C THR A 52 2.76 -7.28 -6.43
N ARG A 53 2.07 -7.02 -7.54
CA ARG A 53 2.64 -7.38 -8.82
C ARG A 53 3.72 -6.39 -9.25
N ASN A 54 3.48 -5.10 -9.04
CA ASN A 54 4.33 -4.06 -9.56
C ASN A 54 5.53 -3.73 -8.68
N ILE A 55 5.54 -4.14 -7.41
CA ILE A 55 6.59 -3.56 -6.55
C ILE A 55 7.97 -4.12 -6.91
N LEU A 56 8.07 -5.41 -7.25
CA LEU A 56 9.39 -5.95 -7.64
C LEU A 56 9.90 -5.38 -8.97
N PRO A 57 9.12 -5.34 -10.05
CA PRO A 57 9.64 -4.68 -11.28
C PRO A 57 10.04 -3.23 -11.06
N ILE A 58 9.27 -2.46 -10.30
CA ILE A 58 9.63 -1.08 -9.99
C ILE A 58 10.98 -1.03 -9.27
N PHE A 59 11.19 -1.95 -8.33
CA PHE A 59 12.44 -2.00 -7.58
C PHE A 59 13.60 -2.28 -8.53
N ASP A 60 13.39 -3.20 -9.45
CA ASP A 60 14.43 -3.56 -10.41
C ASP A 60 14.82 -2.35 -11.25
N ARG A 61 13.84 -1.57 -11.68
CA ARG A 61 14.11 -0.33 -12.40
C ARG A 61 14.82 0.67 -11.50
N LEU A 62 14.39 0.81 -10.25
CA LEU A 62 15.05 1.73 -9.33
C LEU A 62 16.51 1.36 -9.12
N LEU A 63 16.81 0.06 -8.99
CA LEU A 63 18.19 -0.35 -8.76
C LEU A 63 19.05 -0.13 -10.00
N LYS A 64 18.48 -0.37 -11.18
CA LYS A 64 19.24 -0.22 -12.41
C LYS A 64 19.48 1.25 -12.74
N GLU A 65 18.49 2.11 -12.45
CA GLU A 65 18.66 3.54 -12.69
C GLU A 65 19.57 4.19 -11.65
N SER A 66 19.38 3.88 -10.36
CA SER A 66 20.18 4.55 -9.34
C SER A 66 21.62 4.03 -9.30
N ARG A 67 21.83 2.76 -9.66
CA ARG A 67 23.11 2.06 -9.54
C ARG A 67 23.56 1.91 -8.08
N ILE A 68 22.68 2.13 -7.11
CA ILE A 68 23.05 2.06 -5.70
C ILE A 68 22.96 0.60 -5.26
N ASN A 69 23.84 0.21 -4.34
CA ASN A 69 23.74 -1.07 -3.64
C ASN A 69 22.96 -0.91 -2.36
N LEU A 70 22.13 -1.91 -2.04
CA LEU A 70 21.36 -1.85 -0.80
C LEU A 70 22.26 -1.87 0.44
N GLU A 71 23.48 -2.40 0.34
CA GLU A 71 24.39 -2.35 1.47
C GLU A 71 24.74 -0.92 1.85
N GLU A 72 24.63 0.01 0.91
CA GLU A 72 24.96 1.42 1.10
C GLU A 72 23.80 2.25 1.64
N ILE A 73 22.64 1.63 1.87
CA ILE A 73 21.49 2.33 2.43
C ILE A 73 21.62 2.33 3.94
N ASP A 74 21.38 3.48 4.58
CA ASP A 74 21.51 3.54 6.03
C ASP A 74 20.24 3.10 6.76
N PHE A 75 19.07 3.25 6.15
CA PHE A 75 17.82 2.87 6.80
C PHE A 75 16.70 2.88 5.77
N ILE A 76 15.67 2.09 6.04
CA ILE A 76 14.50 1.97 5.19
C ILE A 76 13.40 2.85 5.77
N SER A 77 12.90 3.80 4.98
CA SER A 77 11.75 4.62 5.32
C SER A 77 10.52 4.05 4.63
N PHE A 78 9.36 4.14 5.29
CA PHE A 78 8.15 3.60 4.68
C PHE A 78 6.92 4.22 5.32
N THR A 79 5.82 4.25 4.57
CA THR A 79 4.53 4.76 5.04
C THR A 79 3.81 3.69 5.84
N LEU A 80 3.56 3.97 7.13
CA LEU A 80 2.91 3.03 8.04
C LEU A 80 1.41 3.19 8.06
N THR A 81 0.92 4.40 7.79
CA THR A 81 -0.44 4.85 8.02
C THR A 81 -0.51 6.28 7.49
N PRO A 82 -1.69 6.80 7.15
CA PRO A 82 -2.95 6.11 6.92
C PRO A 82 -3.04 5.60 5.49
N GLY A 83 -4.11 4.91 5.16
CA GLY A 83 -4.31 4.48 3.80
C GLY A 83 -5.16 3.23 3.76
N LEU A 84 -5.21 2.63 2.57
CA LEU A 84 -5.85 1.34 2.38
C LEU A 84 -4.99 0.25 2.99
N ILE A 85 -5.52 -0.42 4.01
CA ILE A 85 -4.71 -1.36 4.76
C ILE A 85 -4.25 -2.53 3.89
N LEU A 86 -5.05 -2.92 2.88
CA LEU A 86 -4.63 -4.03 2.02
C LEU A 86 -3.45 -3.62 1.12
N SER A 87 -3.32 -2.34 0.83
CA SER A 87 -2.19 -1.87 0.05
C SER A 87 -1.00 -1.54 0.94
N LEU A 88 -1.26 -0.95 2.11
CA LEU A 88 -0.21 -0.60 3.05
C LEU A 88 0.67 -1.81 3.38
N VAL A 89 0.05 -2.99 3.60
CA VAL A 89 0.83 -4.14 4.07
C VAL A 89 1.84 -4.59 3.01
N VAL A 90 1.57 -4.32 1.73
CA VAL A 90 2.49 -4.77 0.68
C VAL A 90 3.81 -4.01 0.79
N GLY A 91 3.74 -2.68 0.86
CA GLY A 91 4.95 -1.89 1.00
C GLY A 91 5.67 -2.15 2.30
N VAL A 92 4.93 -2.35 3.40
CA VAL A 92 5.56 -2.63 4.68
C VAL A 92 6.29 -3.97 4.63
N ALA A 93 5.63 -5.00 4.09
CA ALA A 93 6.29 -6.30 3.88
C ALA A 93 7.57 -6.15 3.09
N PHE A 94 7.53 -5.35 2.02
CA PHE A 94 8.71 -5.15 1.19
C PHE A 94 9.80 -4.44 1.97
N ALA A 95 9.41 -3.40 2.73
CA ALA A 95 10.38 -2.63 3.51
C ALA A 95 11.00 -3.48 4.61
N LYS A 96 10.17 -4.28 5.30
CA LYS A 96 10.68 -5.11 6.38
C LYS A 96 11.52 -6.27 5.85
N ALA A 97 11.16 -6.82 4.68
CA ALA A 97 11.99 -7.84 4.04
C ALA A 97 13.41 -7.33 3.79
N LEU A 98 13.54 -6.13 3.20
CA LEU A 98 14.86 -5.57 2.92
C LEU A 98 15.61 -5.23 4.21
N ALA A 99 14.90 -4.63 5.17
CA ALA A 99 15.53 -4.23 6.44
C ALA A 99 16.09 -5.44 7.19
N TYR A 100 15.32 -6.51 7.26
CA TYR A 100 15.80 -7.71 7.91
C TYR A 100 16.96 -8.33 7.12
N GLU A 101 16.79 -8.45 5.81
CA GLU A 101 17.83 -9.01 4.96
C GLU A 101 19.15 -8.27 5.11
N TYR A 102 19.10 -6.93 5.03
CA TYR A 102 20.30 -6.13 5.00
C TYR A 102 20.69 -5.58 6.35
N ARG A 103 19.93 -5.91 7.40
CA ARG A 103 20.21 -5.48 8.76
C ARG A 103 20.24 -3.94 8.82
N LYS A 104 19.17 -3.34 8.33
CA LYS A 104 19.01 -1.90 8.33
C LYS A 104 17.84 -1.50 9.24
N PRO A 105 17.93 -0.35 9.92
CA PRO A 105 16.79 0.12 10.73
C PRO A 105 15.56 0.46 9.89
N LEU A 106 14.41 0.37 10.53
CA LEU A 106 13.12 0.72 9.94
C LEU A 106 12.66 2.04 10.54
N VAL A 107 12.15 2.94 9.69
CA VAL A 107 11.72 4.27 10.17
C VAL A 107 10.34 4.52 9.57
N PRO A 108 9.28 4.55 10.39
CA PRO A 108 7.93 4.74 9.87
C PRO A 108 7.63 6.21 9.61
N VAL A 109 6.74 6.43 8.65
CA VAL A 109 6.33 7.77 8.22
C VAL A 109 4.80 7.77 8.08
N HIS A 110 4.17 8.82 8.58
CA HIS A 110 2.75 9.05 8.34
C HIS A 110 2.59 9.71 6.97
N HIS A 111 1.61 9.24 6.18
CA HIS A 111 1.51 9.70 4.79
C HIS A 111 1.34 11.23 4.70
N LEU A 112 0.49 11.82 5.55
CA LEU A 112 0.31 13.27 5.50
C LEU A 112 1.56 14.01 5.97
N GLU A 113 2.28 13.41 6.91
CA GLU A 113 3.59 13.94 7.27
C GLU A 113 4.51 13.96 6.05
N GLY A 114 4.47 12.91 5.22
CA GLY A 114 5.20 12.96 3.97
C GLY A 114 4.82 14.14 3.09
N HIS A 115 3.51 14.39 2.96
CA HIS A 115 3.06 15.52 2.14
C HIS A 115 3.56 16.84 2.68
N ILE A 116 3.51 17.03 4.01
CA ILE A 116 4.07 18.25 4.59
C ILE A 116 5.51 18.42 4.12
N TYR A 117 6.31 17.37 4.24
CA TYR A 117 7.75 17.52 3.99
C TYR A 117 8.12 17.44 2.51
N SER A 118 7.13 17.33 1.61
CA SER A 118 7.45 17.33 0.20
C SER A 118 8.01 18.68 -0.26
N VAL A 119 7.63 19.78 0.41
CA VAL A 119 8.22 21.07 0.04
C VAL A 119 9.63 21.22 0.58
N PHE A 120 10.00 20.49 1.63
CA PHE A 120 11.36 20.63 2.14
C PHE A 120 12.37 20.08 1.16
N LEU A 121 11.93 19.28 0.19
CA LEU A 121 12.85 18.76 -0.81
C LEU A 121 13.46 19.89 -1.63
N GLU A 122 12.69 20.96 -1.86
CA GLU A 122 13.15 22.12 -2.60
C GLU A 122 13.60 23.25 -1.70
N LYS A 123 12.94 23.45 -0.56
CA LYS A 123 13.26 24.58 0.31
C LYS A 123 12.83 24.27 1.73
N LYS A 124 13.77 24.37 2.66
CA LYS A 124 13.47 24.24 4.07
C LYS A 124 12.57 25.37 4.54
N VAL A 125 11.64 25.05 5.44
CA VAL A 125 10.65 25.99 5.95
C VAL A 125 10.83 26.14 7.45
N GLU A 126 10.87 27.38 7.92
CA GLU A 126 11.03 27.65 9.34
C GLU A 126 9.76 27.30 10.12
N TYR A 127 9.95 26.71 11.33
CA TYR A 127 8.84 26.48 12.26
C TYR A 127 8.56 27.74 13.07
N PRO A 128 7.30 27.98 13.47
CA PRO A 128 6.14 27.15 13.11
C PRO A 128 5.61 27.52 11.73
N PHE A 129 4.80 26.65 11.11
CA PHE A 129 4.12 27.07 9.88
C PHE A 129 2.79 26.36 9.80
N LEU A 130 1.93 26.87 8.91
CA LEU A 130 0.65 26.26 8.62
C LEU A 130 0.77 25.36 7.40
N ALA A 131 0.07 24.22 7.44
CA ALA A 131 0.00 23.28 6.33
C ALA A 131 -1.46 23.08 5.97
N LEU A 132 -1.80 23.37 4.72
CA LEU A 132 -3.06 22.97 4.12
C LEU A 132 -2.76 21.74 3.30
N ILE A 133 -3.35 20.60 3.69
CA ILE A 133 -3.12 19.32 3.00
C ILE A 133 -4.40 18.99 2.24
N ILE A 134 -4.30 18.91 0.92
CA ILE A 134 -5.46 18.79 0.03
C ILE A 134 -5.19 17.66 -0.96
N SER A 135 -5.64 16.45 -0.61
CA SER A 135 -5.36 15.24 -1.37
C SER A 135 -6.23 14.10 -0.86
N GLY A 136 -6.75 13.32 -1.79
CA GLY A 136 -7.42 12.07 -1.47
C GLY A 136 -8.66 12.25 -0.62
N GLY A 137 -8.58 11.80 0.63
CA GLY A 137 -9.71 11.91 1.52
C GLY A 137 -9.49 13.00 2.53
N HIS A 138 -8.59 13.93 2.21
CA HIS A 138 -8.17 14.91 3.19
C HIS A 138 -8.23 16.33 2.63
N THR A 139 -8.78 17.22 3.47
CA THR A 139 -8.70 18.66 3.30
C THR A 139 -8.56 19.18 4.73
N ASP A 140 -7.32 19.26 5.20
CA ASP A 140 -7.00 19.60 6.59
C ASP A 140 -6.09 20.81 6.65
N LEU A 141 -6.23 21.55 7.75
CA LEU A 141 -5.28 22.57 8.18
C LEU A 141 -4.59 22.08 9.45
N TYR A 142 -3.26 22.21 9.50
CA TYR A 142 -2.45 21.84 10.64
C TYR A 142 -1.50 22.99 10.97
N LEU A 143 -1.26 23.17 12.27
CA LEU A 143 -0.19 24.03 12.77
C LEU A 143 1.01 23.14 13.09
N VAL A 144 2.07 23.26 12.30
CA VAL A 144 3.27 22.47 12.49
C VAL A 144 4.26 23.27 13.32
N ARG A 145 4.46 22.87 14.58
CA ARG A 145 5.37 23.58 15.46
C ARG A 145 6.80 23.06 15.41
N ASP A 146 6.98 21.82 14.98
CA ASP A 146 8.29 21.18 14.86
C ASP A 146 8.04 19.86 14.15
N PHE A 147 9.12 19.19 13.76
CA PHE A 147 8.94 17.84 13.26
C PHE A 147 8.28 16.97 14.32
N GLY A 148 7.31 16.17 13.90
CA GLY A 148 6.57 15.32 14.82
C GLY A 148 5.54 16.03 15.67
N ARG A 149 5.39 17.36 15.52
CA ARG A 149 4.54 18.16 16.41
C ARG A 149 3.55 18.91 15.53
N TYR A 150 2.37 18.31 15.33
CA TYR A 150 1.36 18.79 14.39
C TYR A 150 0.05 18.98 15.13
N ASP A 151 -0.46 20.22 15.17
CA ASP A 151 -1.74 20.51 15.81
C ASP A 151 -2.83 20.58 14.75
N PHE A 152 -3.84 19.74 14.89
CA PHE A 152 -4.94 19.71 13.95
C PHE A 152 -5.83 20.94 14.14
N LEU A 153 -6.04 21.72 13.09
CA LEU A 153 -6.86 22.94 13.19
C LEU A 153 -8.24 22.79 12.58
N GLY A 154 -8.41 21.97 11.57
CA GLY A 154 -9.70 21.86 10.94
C GLY A 154 -9.61 20.92 9.76
N GLY A 155 -10.77 20.38 9.38
CA GLY A 155 -10.84 19.43 8.28
C GLY A 155 -12.24 19.43 7.72
N THR A 156 -12.46 18.59 6.72
CA THR A 156 -13.74 18.58 6.03
C THR A 156 -14.80 17.82 6.83
N LEU A 157 -15.98 18.41 6.91
CA LEU A 157 -17.13 17.78 7.55
C LEU A 157 -17.89 16.86 6.61
N ASP A 158 -17.53 16.83 5.33
CA ASP A 158 -18.13 15.89 4.39
C ASP A 158 -17.11 15.46 3.33
N ASP A 159 -17.22 16.00 2.12
CA ASP A 159 -16.29 15.66 1.05
C ASP A 159 -14.99 16.42 1.18
N ALA A 160 -13.87 15.74 0.93
CA ALA A 160 -12.62 16.42 0.63
C ALA A 160 -12.66 17.00 -0.77
N VAL A 161 -11.72 17.91 -1.04
CA VAL A 161 -11.69 18.61 -2.34
C VAL A 161 -11.55 17.62 -3.49
N GLY A 162 -10.66 16.63 -3.35
CA GLY A 162 -10.49 15.66 -4.40
C GLY A 162 -11.78 14.91 -4.70
N GLU A 163 -12.46 14.42 -3.65
CA GLU A 163 -13.74 13.73 -3.83
C GLU A 163 -14.79 14.66 -4.42
N ALA A 164 -14.73 15.96 -4.11
CA ALA A 164 -15.70 16.88 -4.70
C ALA A 164 -15.49 16.98 -6.21
N TYR A 165 -14.23 17.06 -6.66
CA TYR A 165 -13.95 17.10 -8.09
C TYR A 165 -14.48 15.86 -8.79
N ASP A 166 -14.26 14.68 -8.18
CA ASP A 166 -14.75 13.44 -8.76
C ASP A 166 -16.28 13.41 -8.79
N LYS A 167 -16.93 13.81 -7.70
CA LYS A 167 -18.39 13.78 -7.66
C LYS A 167 -18.99 14.78 -8.63
N VAL A 168 -18.35 15.92 -8.83
CA VAL A 168 -18.87 16.91 -9.78
C VAL A 168 -18.75 16.38 -11.20
N ALA A 169 -17.55 15.92 -11.57
CA ALA A 169 -17.35 15.40 -12.93
C ALA A 169 -18.32 14.25 -13.24
N LYS A 170 -18.47 13.32 -12.30
CA LYS A 170 -19.42 12.23 -12.50
C LYS A 170 -20.85 12.78 -12.58
N MET A 171 -21.16 13.82 -11.79
CA MET A 171 -22.50 14.40 -11.81
C MET A 171 -22.87 14.86 -13.22
N LEU A 172 -22.00 15.65 -13.85
CA LEU A 172 -22.23 16.09 -15.22
C LEU A 172 -21.63 15.14 -16.26
N GLY A 173 -21.34 13.90 -15.89
CA GLY A 173 -20.89 12.88 -16.82
C GLY A 173 -19.54 13.18 -17.45
N LEU A 174 -18.51 12.48 -16.99
CA LEU A 174 -17.13 12.73 -17.41
C LEU A 174 -16.27 11.59 -16.89
N GLY A 175 -14.97 11.65 -17.23
CA GLY A 175 -14.05 10.61 -16.80
C GLY A 175 -13.91 10.54 -15.29
N TYR A 176 -13.48 9.36 -14.81
CA TYR A 176 -13.35 9.18 -13.37
C TYR A 176 -12.32 10.10 -12.74
N PRO A 177 -11.04 10.17 -13.21
CA PRO A 177 -10.03 10.98 -12.51
C PRO A 177 -10.49 12.37 -12.09
N GLY A 178 -11.53 12.92 -12.74
CA GLY A 178 -12.19 14.12 -12.27
C GLY A 178 -11.35 15.38 -12.24
N GLY A 179 -10.24 15.34 -11.51
CA GLY A 179 -9.39 16.48 -11.32
C GLY A 179 -8.95 17.11 -12.63
N PRO A 180 -7.97 16.46 -13.29
CA PRO A 180 -7.47 17.00 -14.58
C PRO A 180 -8.56 17.43 -15.54
N ILE A 181 -9.65 16.68 -15.61
CA ILE A 181 -10.70 16.98 -16.57
C ILE A 181 -11.38 18.30 -16.24
N ILE A 182 -11.65 18.55 -14.96
CA ILE A 182 -12.29 19.82 -14.59
C ILE A 182 -11.31 20.97 -14.72
N ASP A 183 -10.03 20.75 -14.37
CA ASP A 183 -9.05 21.83 -14.55
C ASP A 183 -8.90 22.22 -16.01
N ARG A 184 -9.22 21.34 -16.94
CA ARG A 184 -9.14 21.65 -18.37
C ARG A 184 -10.44 22.20 -18.94
N LEU A 185 -11.58 21.69 -18.52
CA LEU A 185 -12.84 22.35 -18.87
C LEU A 185 -12.89 23.76 -18.30
N ALA A 186 -12.41 23.93 -17.05
CA ALA A 186 -12.49 25.24 -16.39
C ALA A 186 -11.65 26.28 -17.11
N LYS A 187 -10.55 25.87 -17.74
CA LYS A 187 -9.73 26.80 -18.51
C LYS A 187 -10.51 27.39 -19.69
N GLU A 188 -11.62 26.78 -20.07
CA GLU A 188 -12.44 27.22 -21.19
C GLU A 188 -13.71 27.93 -20.75
N GLY A 189 -13.88 28.19 -19.46
CA GLY A 189 -15.11 28.80 -18.98
C GLY A 189 -15.12 30.29 -19.23
N LYS A 190 -16.26 30.79 -19.73
CA LYS A 190 -16.43 32.22 -20.01
C LYS A 190 -17.14 32.94 -18.87
N LYS A 191 -18.37 32.53 -18.55
CA LYS A 191 -19.15 33.17 -17.49
C LYS A 191 -18.94 32.47 -16.16
N LEU A 192 -18.95 33.25 -15.07
CA LEU A 192 -18.73 32.76 -13.72
C LEU A 192 -20.05 32.85 -12.96
N TYR A 193 -20.73 31.73 -12.84
CA TYR A 193 -21.99 31.71 -12.09
C TYR A 193 -21.70 31.66 -10.59
N PRO A 194 -22.51 32.32 -9.77
CA PRO A 194 -22.27 32.30 -8.32
C PRO A 194 -22.72 30.99 -7.69
N LEU A 195 -21.93 30.50 -6.74
CA LEU A 195 -22.25 29.31 -5.99
C LEU A 195 -22.12 29.60 -4.50
N PRO A 196 -22.85 28.88 -3.64
CA PRO A 196 -22.82 29.20 -2.21
C PRO A 196 -21.68 28.52 -1.46
N LYS A 197 -20.96 29.31 -0.65
CA LYS A 197 -19.86 28.80 0.15
C LYS A 197 -20.37 28.29 1.49
N PRO A 198 -20.24 26.98 1.77
CA PRO A 198 -20.90 26.39 2.96
C PRO A 198 -20.59 27.05 4.30
N LEU A 199 -19.54 26.58 4.99
CA LEU A 199 -19.31 26.96 6.39
C LEU A 199 -19.10 28.46 6.53
N MET A 200 -17.89 28.95 6.29
CA MET A 200 -17.63 30.37 6.07
C MET A 200 -18.10 31.24 7.25
N GLU A 201 -18.05 30.70 8.47
CA GLU A 201 -18.35 31.47 9.67
C GLU A 201 -17.04 32.00 10.27
N GLU A 202 -17.14 33.16 10.92
CA GLU A 202 -15.97 33.90 11.41
C GLU A 202 -15.11 33.08 12.37
N GLY A 203 -13.93 32.67 11.93
CA GLY A 203 -13.02 31.92 12.75
C GLY A 203 -13.15 30.41 12.67
N ASN A 204 -14.02 29.90 11.80
CA ASN A 204 -14.19 28.46 11.69
C ASN A 204 -13.24 27.91 10.63
N LEU A 205 -12.45 26.92 11.02
CA LEU A 205 -11.40 26.40 10.15
C LEU A 205 -11.72 25.04 9.56
N ASN A 206 -13.00 24.65 9.56
CA ASN A 206 -13.43 23.40 8.93
C ASN A 206 -13.90 23.67 7.51
N PHE A 207 -14.10 22.60 6.75
CA PHE A 207 -14.44 22.67 5.35
C PHE A 207 -15.70 21.86 5.07
N SER A 208 -16.50 22.35 4.12
CA SER A 208 -17.60 21.57 3.57
C SER A 208 -17.68 21.86 2.09
N PHE A 209 -17.80 20.81 1.27
CA PHE A 209 -17.86 20.97 -0.18
C PHE A 209 -19.08 20.34 -0.83
N SER A 210 -19.77 19.40 -0.16
CA SER A 210 -20.88 18.70 -0.78
C SER A 210 -22.09 19.61 -1.01
N GLY A 211 -22.17 20.76 -0.34
CA GLY A 211 -23.25 21.70 -0.56
C GLY A 211 -23.14 22.45 -1.87
N LEU A 212 -22.17 22.08 -2.71
CA LEU A 212 -22.04 22.63 -4.04
C LEU A 212 -22.69 21.76 -5.11
N LYS A 213 -22.68 20.43 -4.95
CA LYS A 213 -23.36 19.57 -5.92
C LYS A 213 -24.86 19.83 -5.96
N THR A 214 -25.40 20.54 -4.97
CA THR A 214 -26.80 20.92 -4.98
C THR A 214 -27.04 22.12 -5.88
N ALA A 215 -26.32 23.22 -5.64
CA ALA A 215 -26.46 24.40 -6.50
C ALA A 215 -26.03 24.10 -7.93
N ILE A 216 -25.14 23.12 -8.11
CA ILE A 216 -24.72 22.74 -9.45
C ILE A 216 -25.90 22.12 -10.22
N LEU A 217 -26.71 21.30 -9.54
CA LEU A 217 -27.86 20.69 -10.18
C LEU A 217 -28.91 21.73 -10.56
N ASN A 218 -28.95 22.86 -9.86
CA ASN A 218 -29.80 23.99 -10.23
C ASN A 218 -29.18 24.75 -11.41
N LEU A 219 -29.05 24.04 -12.52
CA LEU A 219 -28.43 24.56 -13.73
C LEU A 219 -28.54 23.52 -14.84
N VAL A 226 -26.68 26.07 -20.25
CA VAL A 226 -25.41 26.49 -19.67
C VAL A 226 -24.27 25.60 -20.16
N ARG A 227 -23.15 26.21 -20.50
CA ARG A 227 -21.99 25.46 -20.96
C ARG A 227 -21.33 24.74 -19.80
N LYS A 228 -21.07 23.43 -19.98
CA LYS A 228 -20.34 22.65 -18.99
C LYS A 228 -19.00 23.29 -18.65
N GLU A 229 -18.45 24.11 -19.55
CA GLU A 229 -17.20 24.81 -19.27
C GLU A 229 -17.40 25.88 -18.20
N ASP A 230 -18.51 26.62 -18.27
CA ASP A 230 -18.79 27.60 -17.23
C ASP A 230 -19.06 26.93 -15.89
N ILE A 231 -19.58 25.70 -15.90
CA ILE A 231 -19.84 25.00 -14.65
C ILE A 231 -18.54 24.56 -14.00
N ALA A 232 -17.66 23.90 -14.76
CA ALA A 232 -16.35 23.54 -14.26
C ALA A 232 -15.60 24.77 -13.76
N TYR A 233 -15.63 25.85 -14.56
CA TYR A 233 -14.96 27.09 -14.18
C TYR A 233 -15.53 27.64 -12.88
N SER A 234 -16.87 27.62 -12.74
CA SER A 234 -17.48 28.22 -11.55
C SER A 234 -17.23 27.36 -10.31
N PHE A 235 -17.34 26.04 -10.44
CA PHE A 235 -17.03 25.13 -9.35
C PHE A 235 -15.58 25.32 -8.89
N GLN A 236 -14.63 25.28 -9.83
CA GLN A 236 -13.22 25.40 -9.48
C GLN A 236 -12.94 26.71 -8.77
N GLU A 237 -13.54 27.81 -9.21
CA GLU A 237 -13.29 29.09 -8.57
C GLU A 237 -13.80 29.09 -7.13
N THR A 238 -14.97 28.48 -6.89
CA THR A 238 -15.56 28.51 -5.56
C THR A 238 -14.75 27.67 -4.59
N VAL A 239 -14.26 26.53 -5.06
CA VAL A 239 -13.46 25.64 -4.23
C VAL A 239 -12.17 26.34 -3.81
N VAL A 240 -11.44 26.88 -4.78
CA VAL A 240 -10.16 27.53 -4.52
C VAL A 240 -10.33 28.71 -3.57
N GLU A 241 -11.40 29.50 -3.77
CA GLU A 241 -11.69 30.60 -2.87
C GLU A 241 -11.96 30.12 -1.45
N ILE A 242 -12.73 29.03 -1.30
CA ILE A 242 -12.97 28.48 0.04
C ILE A 242 -11.65 28.10 0.69
N LEU A 243 -10.78 27.43 -0.06
CA LEU A 243 -9.49 26.99 0.46
C LEU A 243 -8.65 28.19 0.91
N LEU A 244 -8.67 29.28 0.12
CA LEU A 244 -7.84 30.43 0.44
C LEU A 244 -8.35 31.16 1.68
N GLU A 245 -9.65 31.45 1.71
CA GLU A 245 -10.21 32.16 2.86
C GLU A 245 -9.98 31.39 4.14
N LYS A 246 -10.23 30.07 4.14
CA LYS A 246 -9.94 29.27 5.33
C LYS A 246 -8.46 29.37 5.71
N SER A 247 -7.58 29.34 4.72
CA SER A 247 -6.16 29.49 4.99
C SER A 247 -5.85 30.86 5.59
N LEU A 248 -6.43 31.92 5.02
CA LEU A 248 -6.23 33.26 5.56
C LEU A 248 -6.70 33.36 6.99
N TRP A 249 -7.88 32.83 7.29
CA TRP A 249 -8.38 32.88 8.66
C TRP A 249 -7.44 32.15 9.61
N ALA A 250 -6.86 31.03 9.16
CA ALA A 250 -5.95 30.28 10.02
C ALA A 250 -4.70 31.09 10.35
N MET A 251 -4.17 31.84 9.39
CA MET A 251 -3.03 32.71 9.66
C MET A 251 -3.40 33.82 10.65
N LYS A 252 -4.61 34.37 10.53
CA LYS A 252 -5.01 35.43 11.45
C LYS A 252 -5.27 34.88 12.85
N LYS A 253 -5.92 33.72 12.94
CA LYS A 253 -6.18 33.10 14.25
C LYS A 253 -4.88 32.69 14.92
N THR A 254 -3.88 32.23 14.16
CA THR A 254 -2.64 31.78 14.77
C THR A 254 -1.54 32.85 14.81
N GLY A 255 -1.61 33.85 13.94
CA GLY A 255 -0.55 34.82 13.83
C GLY A 255 0.63 34.34 13.01
N ILE A 256 0.51 33.19 12.36
CA ILE A 256 1.64 32.58 11.66
C ILE A 256 1.46 32.85 10.18
N LYS A 257 2.50 33.39 9.54
CA LYS A 257 2.42 33.85 8.17
C LYS A 257 3.31 33.03 7.22
N ARG A 258 3.45 31.74 7.49
CA ARG A 258 4.07 30.80 6.57
C ARG A 258 3.06 29.70 6.29
N LEU A 259 2.81 29.43 5.01
CA LEU A 259 1.78 28.48 4.62
C LEU A 259 2.36 27.50 3.63
N VAL A 260 2.23 26.22 3.93
CA VAL A 260 2.60 25.13 3.03
C VAL A 260 1.31 24.56 2.46
N VAL A 261 1.25 24.39 1.15
CA VAL A 261 0.07 23.84 0.48
C VAL A 261 0.52 22.59 -0.28
N VAL A 262 -0.01 21.43 0.13
CA VAL A 262 0.50 20.14 -0.30
C VAL A 262 -0.65 19.18 -0.59
N GLY A 263 -0.31 18.05 -1.16
CA GLY A 263 -1.28 17.09 -1.65
C GLY A 263 -1.53 17.26 -3.13
N GLY A 264 -2.28 16.31 -3.70
CA GLY A 264 -2.44 16.26 -5.14
C GLY A 264 -3.10 17.51 -5.72
N VAL A 265 -4.13 18.02 -5.04
CA VAL A 265 -4.82 19.24 -5.49
C VAL A 265 -3.90 20.46 -5.52
N SER A 266 -2.77 20.44 -4.81
CA SER A 266 -1.82 21.54 -4.87
C SER A 266 -1.15 21.64 -6.23
N ALA A 267 -1.29 20.63 -7.10
CA ALA A 267 -0.83 20.75 -8.47
C ALA A 267 -1.77 21.56 -9.34
N ASN A 268 -2.98 21.85 -8.88
CA ASN A 268 -3.94 22.54 -9.73
C ASN A 268 -3.41 23.92 -10.09
N SER A 269 -3.40 24.23 -11.39
CA SER A 269 -2.75 25.47 -11.83
C SER A 269 -3.54 26.70 -11.39
N ARG A 270 -4.88 26.59 -11.33
CA ARG A 270 -5.67 27.70 -10.81
C ARG A 270 -5.44 27.89 -9.31
N LEU A 271 -5.43 26.80 -8.53
CA LEU A 271 -5.12 26.93 -7.11
C LEU A 271 -3.80 27.67 -6.91
N ARG A 272 -2.78 27.32 -7.69
CA ARG A 272 -1.47 27.93 -7.51
C ARG A 272 -1.51 29.43 -7.81
N GLU A 273 -2.26 29.81 -8.85
CA GLU A 273 -2.43 31.23 -9.14
C GLU A 273 -3.01 31.99 -7.95
N VAL A 274 -4.11 31.47 -7.40
CA VAL A 274 -4.85 32.21 -6.39
C VAL A 274 -4.06 32.30 -5.11
N PHE A 275 -3.37 31.23 -4.73
CA PHE A 275 -2.59 31.29 -3.49
C PHE A 275 -1.35 32.15 -3.67
N LYS A 276 -0.69 32.06 -4.83
CA LYS A 276 0.48 32.90 -5.07
C LYS A 276 0.09 34.38 -5.08
N LYS A 277 -1.04 34.69 -5.70
CA LYS A 277 -1.53 36.06 -5.73
C LYS A 277 -1.79 36.56 -4.33
N ALA A 278 -2.48 35.75 -3.51
CA ALA A 278 -2.77 36.16 -2.14
C ALA A 278 -1.49 36.36 -1.35
N SER A 279 -0.47 35.51 -1.54
CA SER A 279 0.77 35.76 -0.81
C SER A 279 1.41 37.06 -1.26
N GLN A 280 1.29 37.40 -2.54
CA GLN A 280 1.80 38.67 -3.02
C GLN A 280 1.00 39.84 -2.42
N GLU A 281 -0.32 39.72 -2.38
CA GLU A 281 -1.13 40.82 -1.87
C GLU A 281 -1.07 40.93 -0.35
N TYR A 282 -0.99 39.81 0.37
CA TYR A 282 -0.99 39.85 1.83
C TYR A 282 0.40 39.80 2.46
N GLY A 283 1.42 39.44 1.69
CA GLY A 283 2.77 39.38 2.23
C GLY A 283 3.07 38.23 3.17
N PHE A 284 2.51 37.04 2.93
CA PHE A 284 2.89 35.85 3.68
C PHE A 284 3.72 34.92 2.79
N GLU A 285 4.49 34.07 3.44
CA GLU A 285 5.35 33.13 2.71
C GLU A 285 4.55 31.90 2.31
N LEU A 286 4.69 31.51 1.06
CA LEU A 286 3.96 30.39 0.50
C LEU A 286 4.93 29.39 -0.10
N TYR A 287 4.72 28.11 0.23
CA TYR A 287 5.53 27.01 -0.29
C TYR A 287 4.58 25.98 -0.88
N ILE A 288 4.71 25.75 -2.18
CA ILE A 288 3.95 24.73 -2.88
C ILE A 288 5.00 23.91 -3.61
N PRO A 289 4.94 22.58 -3.61
CA PRO A 289 5.98 21.80 -4.25
C PRO A 289 5.84 21.79 -5.76
N HIS A 290 6.92 21.39 -6.44
CA HIS A 290 6.83 21.12 -7.86
C HIS A 290 5.71 20.12 -8.06
N PRO A 291 4.96 20.18 -9.18
CA PRO A 291 3.82 19.24 -9.34
C PRO A 291 4.20 17.78 -9.22
N SER A 292 5.39 17.40 -9.67
CA SER A 292 5.83 16.00 -9.56
C SER A 292 5.86 15.53 -8.12
N LEU A 293 5.84 16.45 -7.16
CA LEU A 293 5.90 16.10 -5.75
C LEU A 293 4.57 16.32 -5.04
N SER A 294 3.55 16.82 -5.76
CA SER A 294 2.24 17.06 -5.18
C SER A 294 1.47 15.75 -5.05
N THR A 295 1.58 14.87 -6.05
CA THR A 295 1.00 13.55 -6.01
C THR A 295 1.90 12.61 -5.21
N ASP A 296 1.36 11.43 -4.89
CA ASP A 296 2.10 10.49 -4.07
C ASP A 296 3.43 10.17 -4.69
N ASN A 297 4.46 10.16 -3.87
CA ASN A 297 5.80 9.78 -4.29
C ASN A 297 6.51 9.32 -3.03
N ALA A 298 7.64 8.64 -3.21
CA ALA A 298 8.35 8.18 -2.04
C ALA A 298 9.45 9.13 -1.60
N LEU A 299 9.81 10.13 -2.42
CA LEU A 299 10.83 11.10 -1.99
C LEU A 299 10.41 11.86 -0.75
N MET A 300 9.13 12.23 -0.67
CA MET A 300 8.64 12.95 0.50
C MET A 300 8.64 12.04 1.72
N ILE A 301 8.40 10.73 1.52
CA ILE A 301 8.52 9.77 2.60
C ILE A 301 9.96 9.69 3.06
N ALA A 302 10.90 9.67 2.10
CA ALA A 302 12.32 9.66 2.44
C ALA A 302 12.71 10.88 3.27
N TYR A 303 12.19 12.06 2.93
CA TYR A 303 12.63 13.26 3.64
C TYR A 303 12.15 13.22 5.10
N ALA A 304 10.87 12.92 5.31
CA ALA A 304 10.37 12.78 6.67
C ALA A 304 11.06 11.63 7.40
N GLY A 305 11.42 10.56 6.69
CA GLY A 305 12.16 9.48 7.33
C GLY A 305 13.52 9.93 7.83
N MET A 306 14.20 10.77 7.04
CA MET A 306 15.44 11.39 7.49
C MET A 306 15.25 12.17 8.78
N GLU A 307 14.20 12.98 8.83
CA GLU A 307 13.96 13.79 10.02
C GLU A 307 13.77 12.94 11.26
N ARG A 308 13.04 11.83 11.13
CA ARG A 308 12.77 10.97 12.27
C ARG A 308 14.00 10.14 12.66
N PHE A 309 14.72 9.61 11.66
CA PHE A 309 15.94 8.86 11.96
C PHE A 309 16.95 9.74 12.68
N LYS A 310 17.16 10.96 12.18
CA LYS A 310 18.16 11.84 12.77
C LYS A 310 17.88 12.11 14.24
N ARG A 311 16.63 12.00 14.68
CA ARG A 311 16.26 12.17 16.08
C ARG A 311 16.36 10.88 16.89
N GLY A 312 16.86 9.80 16.28
CA GLY A 312 17.11 8.57 16.99
C GLY A 312 15.95 7.60 17.05
N VAL A 313 14.92 7.80 16.23
CA VAL A 313 13.70 7.01 16.34
C VAL A 313 13.70 5.96 15.26
N VAL A 314 13.61 4.69 15.66
CA VAL A 314 13.46 3.56 14.74
C VAL A 314 12.31 2.69 15.22
N ALA A 315 11.72 1.94 14.29
CA ALA A 315 10.65 1.04 14.64
C ALA A 315 11.20 -0.36 14.94
N PRO A 316 10.51 -1.12 15.77
CA PRO A 316 10.88 -2.53 15.98
C PRO A 316 10.49 -3.35 14.77
N LEU A 317 10.99 -4.58 14.75
CA LEU A 317 10.79 -5.42 13.58
C LEU A 317 9.34 -5.80 13.39
N ASP A 318 8.56 -5.84 14.48
CA ASP A 318 7.17 -6.27 14.37
C ASP A 318 6.20 -5.11 14.19
N VAL A 319 6.68 -3.95 13.74
CA VAL A 319 5.80 -2.81 13.60
C VAL A 319 4.73 -3.11 12.56
N ASN A 320 3.50 -2.70 12.86
CA ASN A 320 2.35 -3.11 12.09
C ASN A 320 1.63 -1.88 11.54
N PRO A 321 1.29 -1.85 10.25
CA PRO A 321 0.52 -0.71 9.72
C PRO A 321 -0.92 -0.74 10.23
N GLN A 322 -1.55 0.43 10.16
CA GLN A 322 -2.93 0.67 10.56
C GLN A 322 -3.60 1.59 9.55
N PRO A 323 -4.89 1.41 9.27
CA PRO A 323 -5.55 2.23 8.25
C PRO A 323 -5.60 3.71 8.56
N ASN A 324 -5.65 4.10 9.84
CA ASN A 324 -5.84 5.52 10.11
C ASN A 324 -5.44 6.00 11.50
N ILE A 325 -4.15 6.17 11.74
CA ILE A 325 -3.71 6.92 12.92
C ILE A 325 -3.73 8.40 12.59
N PRO A 326 -4.36 9.25 13.40
CA PRO A 326 -4.34 10.69 13.11
C PRO A 326 -2.92 11.25 13.15
N LEU A 327 -2.65 12.21 12.27
CA LEU A 327 -1.31 12.80 12.16
C LEU A 327 -0.81 13.31 13.51
N GLU A 328 -1.66 14.03 14.26
CA GLU A 328 -1.23 14.60 15.52
C GLU A 328 -0.79 13.51 16.48
N GLU A 329 -1.60 12.47 16.63
CA GLU A 329 -1.25 11.35 17.50
C GLU A 329 -0.01 10.62 17.00
N PHE A 330 0.09 10.36 15.69
CA PHE A 330 1.28 9.70 15.15
C PHE A 330 2.55 10.45 15.54
N GLY A 331 2.56 11.77 15.37
CA GLY A 331 3.75 12.54 15.71
C GLY A 331 4.17 12.39 17.16
N ARG A 332 3.20 12.35 18.08
CA ARG A 332 3.51 12.16 19.51
C ARG A 332 4.07 10.78 19.78
N ILE A 333 3.48 9.76 19.15
CA ILE A 333 3.89 8.37 19.34
C ILE A 333 5.30 8.17 18.82
N TRP A 334 5.61 8.73 17.65
CA TRP A 334 6.82 8.37 16.92
C TRP A 334 7.87 9.45 16.94
N THR A 335 7.73 10.45 17.80
CA THR A 335 8.70 11.51 17.91
C THR A 335 8.64 12.11 19.31
N MET B 1 22.12 -28.32 -1.49
CA MET B 1 20.95 -27.48 -1.73
C MET B 1 20.17 -27.25 -0.44
N LYS B 2 20.09 -25.99 -0.02
CA LYS B 2 19.39 -25.61 1.20
C LYS B 2 18.28 -24.63 0.83
N ILE B 3 17.04 -25.02 1.06
CA ILE B 3 15.87 -24.25 0.65
C ILE B 3 15.14 -23.75 1.89
N LEU B 4 14.77 -22.47 1.90
CA LEU B 4 13.85 -21.93 2.89
C LEU B 4 12.46 -21.86 2.27
N SER B 5 11.50 -22.56 2.87
CA SER B 5 10.16 -22.69 2.34
C SER B 5 9.19 -22.03 3.31
N ILE B 6 8.31 -21.18 2.80
CA ILE B 6 7.44 -20.37 3.65
C ILE B 6 5.98 -20.61 3.29
N ASP B 7 5.12 -20.67 4.30
CA ASP B 7 3.68 -20.77 4.06
C ASP B 7 2.98 -19.76 4.94
N THR B 8 2.35 -18.76 4.31
CA THR B 8 1.54 -17.81 5.05
C THR B 8 0.06 -17.89 4.65
N SER B 9 -0.41 -19.09 4.28
CA SER B 9 -1.77 -19.22 3.78
C SER B 9 -2.81 -19.07 4.89
N PHE B 10 -2.52 -19.56 6.10
CA PHE B 10 -3.53 -19.60 7.16
C PHE B 10 -2.94 -19.04 8.44
N SER B 11 -3.76 -19.04 9.50
CA SER B 11 -3.29 -18.55 10.78
C SER B 11 -2.24 -19.48 11.37
N PHE B 12 -2.16 -20.73 10.91
CA PHE B 12 -1.04 -21.60 11.25
C PHE B 12 0.10 -21.31 10.27
N ILE B 13 0.79 -20.21 10.53
CA ILE B 13 1.97 -19.87 9.74
C ILE B 13 3.03 -20.94 9.96
N ASN B 14 3.81 -21.26 8.92
CA ASN B 14 4.87 -22.24 9.12
C ASN B 14 5.96 -22.06 8.07
N PHE B 15 7.18 -22.42 8.45
CA PHE B 15 8.28 -22.43 7.49
C PHE B 15 9.18 -23.62 7.75
N SER B 16 9.83 -24.08 6.68
CA SER B 16 10.67 -25.25 6.72
C SER B 16 11.99 -24.96 6.02
N VAL B 17 13.00 -25.74 6.38
CA VAL B 17 14.27 -25.79 5.68
C VAL B 17 14.40 -27.18 5.07
N ILE B 18 14.74 -27.25 3.79
CA ILE B 18 14.92 -28.51 3.08
C ILE B 18 16.39 -28.64 2.74
N GLU B 19 17.00 -29.75 3.13
CA GLU B 19 18.37 -30.04 2.73
C GLU B 19 18.50 -31.53 2.52
N GLU B 20 19.38 -31.91 1.59
CA GLU B 20 19.60 -33.32 1.28
C GLU B 20 18.29 -34.04 1.01
N GLU B 21 17.38 -33.34 0.33
CA GLU B 21 16.05 -33.83 -0.06
C GLU B 21 15.12 -34.10 1.13
N LYS B 22 15.32 -33.48 2.29
CA LYS B 22 14.49 -33.81 3.43
C LYS B 22 14.26 -32.57 4.27
N VAL B 23 13.20 -32.61 5.08
CA VAL B 23 12.95 -31.53 6.03
C VAL B 23 13.93 -31.65 7.18
N THR B 24 14.76 -30.63 7.36
CA THR B 24 15.67 -30.55 8.49
C THR B 24 15.21 -29.56 9.54
N PHE B 25 14.17 -28.76 9.26
CA PHE B 25 13.67 -27.77 10.19
C PHE B 25 12.22 -27.45 9.82
N LEU B 26 11.36 -27.39 10.82
CA LEU B 26 10.00 -26.92 10.58
C LEU B 26 9.52 -26.19 11.84
N HIS B 27 8.95 -25.02 11.64
CA HIS B 27 8.38 -24.23 12.72
C HIS B 27 6.98 -23.89 12.30
N TYR B 28 6.01 -24.20 13.15
CA TYR B 28 4.59 -24.11 12.83
C TYR B 28 3.90 -23.49 14.03
N LEU B 29 3.20 -22.37 13.82
CA LEU B 29 2.61 -21.61 14.91
C LEU B 29 1.23 -21.12 14.50
N LYS B 30 0.21 -21.52 15.27
CA LYS B 30 -1.14 -20.97 15.11
C LYS B 30 -1.27 -19.74 15.99
N SER B 31 -1.45 -18.59 15.37
CA SER B 31 -1.38 -17.33 16.07
C SER B 31 -2.51 -16.43 15.58
N ASN B 32 -3.10 -15.66 16.50
CA ASN B 32 -4.01 -14.60 16.12
C ASN B 32 -3.29 -13.28 15.83
N LYS B 33 -1.97 -13.25 15.97
CA LYS B 33 -1.23 -12.05 15.61
C LYS B 33 -1.35 -11.78 14.12
N LYS B 34 -1.20 -10.50 13.75
CA LYS B 34 -1.29 -10.19 12.34
C LYS B 34 0.00 -10.63 11.64
N THR B 35 -0.11 -10.89 10.34
CA THR B 35 1.01 -11.47 9.61
C THR B 35 2.27 -10.61 9.73
N LEU B 36 2.12 -9.29 9.67
CA LEU B 36 3.28 -8.40 9.80
C LEU B 36 3.76 -8.21 11.24
N GLU B 37 2.96 -8.59 12.24
CA GLU B 37 3.50 -8.67 13.60
C GLU B 37 4.45 -9.86 13.73
N LEU B 38 4.10 -10.97 13.09
CA LEU B 38 4.93 -12.19 13.13
C LEU B 38 6.15 -12.08 12.23
N LEU B 39 6.02 -11.45 11.03
CA LEU B 39 7.14 -11.40 10.07
C LEU B 39 7.72 -9.99 10.00
N PRO B 40 9.06 -9.84 10.03
CA PRO B 40 10.04 -10.92 10.06
C PRO B 40 10.61 -11.24 11.46
N LYS B 41 9.95 -10.74 12.52
CA LYS B 41 10.45 -10.94 13.87
C LYS B 41 10.60 -12.43 14.20
N ILE B 42 9.67 -13.27 13.73
CA ILE B 42 9.77 -14.70 14.04
C ILE B 42 11.03 -15.30 13.41
N PHE B 43 11.49 -14.76 12.27
CA PHE B 43 12.72 -15.26 11.68
C PHE B 43 13.92 -14.89 12.54
N GLU B 44 13.94 -13.66 13.04
CA GLU B 44 15.04 -13.24 13.91
C GLU B 44 15.13 -14.09 15.16
N GLU B 45 13.97 -14.43 15.74
CA GLU B 45 13.91 -15.29 16.93
C GLU B 45 14.47 -16.68 16.67
N LEU B 46 14.34 -17.19 15.46
CA LEU B 46 14.80 -18.54 15.13
C LEU B 46 16.10 -18.51 14.35
N CYS B 47 16.76 -17.35 14.29
CA CYS B 47 18.05 -17.20 13.63
C CYS B 47 18.00 -17.64 12.16
N ILE B 48 16.88 -17.38 11.49
CA ILE B 48 16.72 -17.68 10.08
C ILE B 48 17.06 -16.43 9.28
N ARG B 49 18.08 -16.54 8.43
CA ARG B 49 18.61 -15.42 7.68
C ARG B 49 18.57 -15.75 6.19
N PRO B 50 18.03 -14.88 5.35
CA PRO B 50 17.85 -15.26 3.93
C PRO B 50 19.16 -15.56 3.20
N GLU B 51 20.26 -14.90 3.57
CA GLU B 51 21.51 -15.15 2.86
C GLU B 51 22.07 -16.55 3.10
N ASN B 52 21.47 -17.35 3.96
CA ASN B 52 22.03 -18.66 4.26
C ASN B 52 21.46 -19.75 3.37
N PHE B 53 20.57 -19.42 2.43
CA PHE B 53 19.85 -20.42 1.66
C PHE B 53 20.22 -20.34 0.19
N ASP B 54 20.13 -21.48 -0.50
CA ASP B 54 20.39 -21.56 -1.93
C ASP B 54 19.19 -21.20 -2.78
N ALA B 55 18.00 -21.27 -2.18
CA ALA B 55 16.76 -21.19 -2.93
C ALA B 55 15.62 -21.01 -1.94
N PHE B 56 14.48 -20.58 -2.45
CA PHE B 56 13.32 -20.27 -1.63
C PHE B 56 12.11 -20.91 -2.26
N ALA B 57 11.12 -21.24 -1.43
CA ALA B 57 9.85 -21.75 -1.88
C ALA B 57 8.76 -21.01 -1.12
N VAL B 58 7.58 -20.84 -1.75
CA VAL B 58 6.51 -20.11 -1.05
C VAL B 58 5.16 -20.61 -1.54
N SER B 59 4.21 -20.72 -0.61
CA SER B 59 2.85 -21.08 -0.99
C SER B 59 2.16 -19.91 -1.69
N VAL B 60 1.47 -20.20 -2.78
CA VAL B 60 0.60 -19.21 -3.40
C VAL B 60 -0.87 -19.52 -3.12
N GLY B 61 -1.14 -20.43 -2.18
CA GLY B 61 -2.50 -20.69 -1.73
C GLY B 61 -3.06 -21.98 -2.29
N VAL B 62 -4.39 -22.15 -2.17
CA VAL B 62 -5.34 -21.13 -1.69
C VAL B 62 -5.18 -20.84 -0.21
N GLY B 63 -5.50 -19.61 0.16
CA GLY B 63 -5.33 -19.16 1.52
C GLY B 63 -5.83 -17.75 1.64
N TYR B 64 -5.61 -17.14 2.80
CA TYR B 64 -6.02 -15.76 3.00
C TYR B 64 -5.14 -14.83 2.17
N LEU B 65 -5.78 -13.92 1.42
CA LEU B 65 -5.08 -13.23 0.35
C LEU B 65 -4.08 -12.22 0.89
N THR B 66 -4.42 -11.49 1.95
CA THR B 66 -3.45 -10.53 2.44
C THR B 66 -2.22 -11.23 3.00
N SER B 67 -2.41 -12.30 3.77
CA SER B 67 -1.26 -13.00 4.31
C SER B 67 -0.47 -13.70 3.21
N LEU B 68 -1.12 -14.12 2.13
CA LEU B 68 -0.38 -14.67 1.00
C LEU B 68 0.44 -13.59 0.31
N ARG B 69 -0.18 -12.43 0.04
CA ARG B 69 0.58 -11.33 -0.57
C ARG B 69 1.79 -10.96 0.28
N ILE B 70 1.64 -10.95 1.60
CA ILE B 70 2.76 -10.57 2.47
C ILE B 70 3.88 -11.60 2.37
N GLY B 71 3.56 -12.90 2.47
CA GLY B 71 4.60 -13.91 2.41
C GLY B 71 5.30 -13.95 1.06
N VAL B 72 4.52 -13.89 -0.01
CA VAL B 72 5.08 -13.88 -1.35
C VAL B 72 6.00 -12.67 -1.54
N THR B 73 5.66 -11.52 -0.97
CA THR B 73 6.50 -10.34 -1.13
C THR B 73 7.81 -10.46 -0.36
N PHE B 74 7.77 -11.00 0.86
CA PHE B 74 9.01 -11.32 1.57
C PHE B 74 9.93 -12.17 0.70
N VAL B 75 9.39 -13.27 0.15
CA VAL B 75 10.23 -14.26 -0.50
C VAL B 75 10.73 -13.75 -1.85
N LYS B 76 9.86 -13.11 -2.64
CA LYS B 76 10.32 -12.55 -3.90
C LYS B 76 11.43 -11.52 -3.68
N THR B 77 11.30 -10.70 -2.63
CA THR B 77 12.33 -9.70 -2.38
C THR B 77 13.67 -10.35 -2.07
N TRP B 78 13.67 -11.37 -1.22
CA TRP B 78 14.89 -12.10 -0.89
C TRP B 78 15.45 -12.83 -2.11
N ALA B 79 14.59 -13.56 -2.84
CA ALA B 79 15.08 -14.32 -3.99
C ALA B 79 15.64 -13.42 -5.07
N TYR B 80 14.95 -12.31 -5.35
CA TYR B 80 15.43 -11.41 -6.39
C TYR B 80 16.74 -10.74 -6.00
N THR B 81 16.83 -10.19 -4.79
CA THR B 81 18.04 -9.44 -4.43
C THR B 81 19.25 -10.35 -4.28
N LEU B 82 19.05 -11.59 -3.82
CA LEU B 82 20.18 -12.51 -3.64
C LEU B 82 20.53 -13.27 -4.89
N GLY B 83 19.73 -13.15 -5.95
CA GLY B 83 19.93 -13.92 -7.16
C GLY B 83 19.74 -15.41 -6.97
N LYS B 84 18.78 -15.81 -6.15
CA LYS B 84 18.55 -17.23 -5.85
C LYS B 84 17.25 -17.70 -6.47
N PRO B 85 17.15 -18.98 -6.82
CA PRO B 85 15.91 -19.48 -7.40
C PRO B 85 14.78 -19.48 -6.39
N VAL B 86 13.55 -19.39 -6.91
CA VAL B 86 12.36 -19.45 -6.09
C VAL B 86 11.33 -20.32 -6.78
N VAL B 87 10.63 -21.14 -6.00
CA VAL B 87 9.59 -22.05 -6.49
C VAL B 87 8.30 -21.78 -5.71
N SER B 88 7.22 -21.53 -6.44
CA SER B 88 5.89 -21.46 -5.85
C SER B 88 5.30 -22.86 -5.76
N TYR B 89 4.36 -23.06 -4.83
CA TYR B 89 3.67 -24.34 -4.73
C TYR B 89 2.23 -24.08 -4.30
N LYS B 90 1.37 -25.06 -4.57
CA LYS B 90 -0.08 -24.93 -4.40
C LYS B 90 -0.59 -25.93 -3.37
N ASN B 91 -1.40 -25.42 -2.42
CA ASN B 91 -1.80 -26.19 -1.24
C ASN B 91 -2.72 -27.37 -1.58
N LEU B 92 -3.73 -27.13 -2.42
CA LEU B 92 -4.70 -28.18 -2.73
C LEU B 92 -4.07 -29.28 -3.58
N GLU B 93 -3.15 -28.92 -4.49
CA GLU B 93 -2.40 -29.93 -5.23
C GLU B 93 -1.56 -30.80 -4.30
N LEU B 94 -0.85 -30.18 -3.34
CA LEU B 94 -0.09 -30.97 -2.37
C LEU B 94 -0.99 -31.89 -1.54
N LEU B 95 -2.15 -31.38 -1.10
CA LEU B 95 -3.05 -32.20 -0.30
C LEU B 95 -3.53 -33.43 -1.06
N ALA B 96 -3.80 -33.29 -2.35
CA ALA B 96 -4.21 -34.43 -3.16
C ALA B 96 -3.05 -35.37 -3.41
N LYS B 97 -1.90 -34.82 -3.84
CA LYS B 97 -0.79 -35.67 -4.25
C LYS B 97 -0.22 -36.47 -3.08
N LYS B 98 -0.27 -35.94 -1.86
CA LYS B 98 0.37 -36.57 -0.71
C LYS B 98 -0.58 -37.41 0.12
N THR B 99 -1.87 -37.48 -0.24
CA THR B 99 -2.83 -38.27 0.51
C THR B 99 -3.18 -39.53 -0.27
N PRO B 100 -2.87 -40.74 0.28
CA PRO B 100 -3.01 -41.98 -0.51
C PRO B 100 -4.40 -42.58 -0.48
N VAL B 101 -5.45 -41.77 -0.60
CA VAL B 101 -6.81 -42.28 -0.69
C VAL B 101 -7.09 -42.55 -2.16
N PRO B 102 -8.16 -43.26 -2.52
CA PRO B 102 -8.43 -43.52 -3.93
C PRO B 102 -8.96 -42.28 -4.64
N PHE B 103 -8.94 -42.34 -5.98
CA PHE B 103 -9.54 -41.31 -6.81
C PHE B 103 -11.06 -41.49 -6.87
N PRO B 104 -11.82 -40.41 -7.10
CA PRO B 104 -11.33 -39.02 -7.22
C PRO B 104 -11.03 -38.41 -5.85
N LYS B 105 -10.01 -37.56 -5.80
CA LYS B 105 -9.61 -36.88 -4.58
C LYS B 105 -10.15 -35.45 -4.59
N ILE B 106 -10.77 -35.06 -3.48
CA ILE B 106 -11.36 -33.72 -3.36
C ILE B 106 -10.71 -32.97 -2.20
N PRO B 107 -9.49 -32.44 -2.37
CA PRO B 107 -8.93 -31.58 -1.32
C PRO B 107 -9.75 -30.32 -1.18
N TYR B 108 -9.92 -29.87 0.07
CA TYR B 108 -10.60 -28.60 0.26
C TYR B 108 -10.07 -27.86 1.48
N LEU B 109 -10.17 -26.54 1.40
CA LEU B 109 -9.74 -25.66 2.48
C LEU B 109 -10.75 -24.53 2.57
N LYS B 110 -10.98 -24.03 3.78
CA LYS B 110 -11.92 -22.93 4.01
C LYS B 110 -11.14 -21.64 4.25
N VAL B 111 -11.54 -20.58 3.54
CA VAL B 111 -10.97 -19.23 3.67
C VAL B 111 -12.13 -18.26 3.85
N GLY B 112 -12.25 -17.68 5.04
CA GLY B 112 -13.39 -16.84 5.37
C GLY B 112 -14.67 -17.64 5.27
N SER B 113 -15.61 -17.16 4.45
CA SER B 113 -16.88 -17.83 4.27
C SER B 113 -16.92 -18.76 3.07
N ASN B 114 -15.82 -18.89 2.33
CA ASN B 114 -15.79 -19.79 1.17
C ASN B 114 -15.04 -21.07 1.49
N VAL B 115 -15.59 -22.19 1.03
CA VAL B 115 -14.91 -23.47 1.02
C VAL B 115 -14.43 -23.68 -0.41
N PHE B 116 -13.11 -23.61 -0.63
CA PHE B 116 -12.50 -23.83 -1.93
C PHE B 116 -12.12 -25.30 -2.07
N TYR B 117 -12.42 -25.90 -3.21
CA TYR B 117 -12.07 -27.29 -3.41
C TYR B 117 -11.61 -27.51 -4.85
N GLN B 118 -10.98 -28.64 -5.08
CA GLN B 118 -10.50 -28.98 -6.41
C GLN B 118 -10.61 -30.50 -6.57
N ILE B 119 -10.88 -30.96 -7.80
CA ILE B 119 -11.16 -32.36 -8.05
C ILE B 119 -10.00 -32.95 -8.85
N PHE B 120 -9.41 -34.03 -8.32
CA PHE B 120 -8.24 -34.66 -8.91
C PHE B 120 -8.60 -36.07 -9.32
N GLU B 121 -8.41 -36.37 -10.60
CA GLU B 121 -8.45 -37.73 -11.10
C GLU B 121 -7.01 -38.13 -11.37
N GLU B 122 -6.82 -39.37 -11.83
CA GLU B 122 -5.47 -39.87 -12.03
C GLU B 122 -4.71 -39.02 -13.05
N SER B 123 -5.37 -38.64 -14.15
CA SER B 123 -4.67 -37.96 -15.23
C SER B 123 -5.26 -36.60 -15.60
N SER B 124 -6.22 -36.08 -14.83
CA SER B 124 -6.72 -34.72 -15.05
C SER B 124 -7.17 -34.12 -13.74
N SER B 125 -7.35 -32.80 -13.74
CA SER B 125 -7.85 -32.12 -12.55
C SER B 125 -8.67 -30.90 -12.96
N SER B 126 -9.56 -30.50 -12.06
CA SER B 126 -10.43 -29.36 -12.26
C SER B 126 -9.73 -28.06 -11.84
N GLU B 127 -10.41 -26.95 -12.10
CA GLU B 127 -10.12 -25.65 -11.51
C GLU B 127 -10.49 -25.66 -10.04
N VAL B 128 -9.98 -24.68 -9.30
CA VAL B 128 -10.41 -24.50 -7.92
C VAL B 128 -11.84 -23.95 -7.92
N LYS B 129 -12.76 -24.67 -7.29
CA LYS B 129 -14.18 -24.35 -7.24
C LYS B 129 -14.57 -23.85 -5.85
N VAL B 130 -15.76 -23.26 -5.78
CA VAL B 130 -16.34 -22.79 -4.53
C VAL B 130 -17.51 -23.69 -4.19
N PHE B 131 -17.45 -24.34 -3.04
CA PHE B 131 -18.48 -25.31 -2.64
C PHE B 131 -19.80 -24.62 -2.33
N LYS B 132 -20.90 -25.17 -2.87
CA LYS B 132 -22.24 -24.63 -2.66
C LYS B 132 -23.21 -25.65 -2.07
N GLY B 133 -22.71 -26.78 -1.58
CA GLY B 133 -23.54 -27.81 -0.99
C GLY B 133 -23.71 -29.03 -1.86
N GLU B 134 -23.11 -29.05 -3.05
CA GLU B 134 -23.35 -30.11 -4.00
C GLU B 134 -22.86 -31.46 -3.46
N GLU B 135 -23.60 -32.51 -3.80
CA GLU B 135 -23.14 -33.86 -3.57
C GLU B 135 -21.99 -34.17 -4.52
N LEU B 136 -20.90 -34.69 -3.98
CA LEU B 136 -19.70 -34.90 -4.77
C LEU B 136 -19.29 -36.35 -4.68
N ARG B 137 -18.84 -36.89 -5.80
CA ARG B 137 -18.35 -38.26 -5.85
C ARG B 137 -16.88 -38.28 -5.49
N GLY B 138 -16.50 -39.14 -4.53
CA GLY B 138 -15.10 -39.35 -4.22
C GLY B 138 -14.70 -39.02 -2.79
N TYR B 139 -13.39 -38.86 -2.55
CA TYR B 139 -12.84 -38.79 -1.20
C TYR B 139 -12.42 -37.36 -0.86
N GLY B 140 -13.13 -36.74 0.08
CA GLY B 140 -12.73 -35.43 0.56
C GLY B 140 -11.47 -35.52 1.41
N ILE B 141 -10.61 -34.49 1.26
CA ILE B 141 -9.32 -34.40 1.94
C ILE B 141 -9.20 -33.00 2.51
N SER B 142 -9.05 -32.90 3.82
CA SER B 142 -8.85 -31.58 4.39
C SER B 142 -8.01 -31.70 5.66
N LEU B 143 -8.07 -30.67 6.49
CA LEU B 143 -7.34 -30.52 7.73
C LEU B 143 -8.29 -30.67 8.91
N LYS B 144 -7.73 -31.07 10.05
CA LYS B 144 -8.54 -31.17 11.26
C LYS B 144 -9.19 -29.84 11.60
N GLU B 145 -8.53 -28.72 11.31
CA GLU B 145 -9.12 -27.40 11.53
C GLU B 145 -10.50 -27.29 10.91
N PHE B 146 -10.74 -28.01 9.82
CA PHE B 146 -11.96 -27.89 9.03
C PHE B 146 -12.82 -29.16 9.11
N GLU B 147 -12.63 -29.93 10.19
CA GLU B 147 -13.28 -31.23 10.36
C GLU B 147 -14.80 -31.13 10.33
N ASP B 148 -15.36 -29.97 10.67
CA ASP B 148 -16.81 -29.79 10.68
C ASP B 148 -17.40 -29.63 9.28
N ILE B 149 -16.59 -29.69 8.21
CA ILE B 149 -17.05 -29.45 6.85
C ILE B 149 -16.86 -30.73 6.07
N LYS B 150 -17.92 -31.23 5.47
CA LYS B 150 -17.92 -32.54 4.81
C LYS B 150 -18.10 -32.36 3.31
N LEU B 151 -17.15 -32.88 2.52
CA LEU B 151 -17.23 -32.88 1.07
C LEU B 151 -16.95 -34.30 0.58
N GLY B 152 -17.64 -34.70 -0.49
CA GLY B 152 -17.44 -36.02 -1.04
C GLY B 152 -18.17 -37.10 -0.28
N GLU B 153 -17.94 -38.35 -0.69
CA GLU B 153 -18.62 -39.50 -0.12
C GLU B 153 -17.97 -39.96 1.19
N LYS B 154 -16.64 -39.87 1.27
CA LYS B 154 -15.89 -40.06 2.50
C LYS B 154 -14.98 -38.87 2.68
N GLN B 155 -14.52 -38.68 3.91
CA GLN B 155 -13.61 -37.58 4.25
C GLN B 155 -12.42 -38.11 5.02
N PHE B 156 -11.23 -37.61 4.65
CA PHE B 156 -10.01 -37.77 5.42
C PHE B 156 -9.54 -36.41 5.91
N PHE B 157 -9.21 -36.31 7.18
CA PHE B 157 -8.71 -35.07 7.79
C PHE B 157 -7.31 -35.30 8.34
N HIS B 158 -6.34 -34.53 7.83
CA HIS B 158 -5.00 -34.52 8.36
C HIS B 158 -4.98 -33.85 9.73
N ASP B 159 -4.49 -34.54 10.77
CA ASP B 159 -4.28 -33.87 12.04
C ASP B 159 -3.45 -32.60 11.87
N ILE B 160 -2.44 -32.67 10.99
CA ILE B 160 -1.56 -31.56 10.68
C ILE B 160 -1.04 -31.79 9.28
N PHE B 161 -0.77 -30.70 8.55
CA PHE B 161 -0.27 -30.79 7.18
C PHE B 161 0.46 -29.49 6.87
N PRO B 162 1.71 -29.32 7.39
CA PRO B 162 2.42 -28.05 7.19
C PRO B 162 2.83 -27.87 5.74
N PHE B 163 2.09 -27.01 5.02
CA PHE B 163 2.32 -26.87 3.58
C PHE B 163 3.76 -26.51 3.25
N SER B 164 4.45 -25.73 4.10
CA SER B 164 5.84 -25.34 3.80
C SER B 164 6.78 -26.54 3.75
N ALA B 165 6.51 -27.59 4.52
CA ALA B 165 7.34 -28.78 4.44
C ALA B 165 7.12 -29.51 3.11
N TYR B 166 5.87 -29.79 2.77
CA TYR B 166 5.60 -30.46 1.51
C TYR B 166 6.00 -29.58 0.33
N GLY B 167 5.76 -28.28 0.42
CA GLY B 167 6.16 -27.39 -0.66
C GLY B 167 7.65 -27.33 -0.83
N GLY B 168 8.40 -27.43 0.27
CA GLY B 168 9.85 -27.39 0.17
C GLY B 168 10.43 -28.65 -0.44
N ILE B 169 9.86 -29.81 -0.11
CA ILE B 169 10.29 -31.05 -0.75
C ILE B 169 9.99 -30.99 -2.25
N TYR B 170 8.79 -30.54 -2.60
CA TYR B 170 8.44 -30.34 -4.01
C TYR B 170 9.41 -29.38 -4.70
N ALA B 171 9.72 -28.24 -4.05
CA ALA B 171 10.66 -27.31 -4.67
C ALA B 171 12.02 -27.96 -4.91
N TYR B 172 12.47 -28.78 -3.96
CA TYR B 172 13.73 -29.51 -4.12
C TYR B 172 13.71 -30.37 -5.38
N GLU B 173 12.63 -31.14 -5.56
CA GLU B 173 12.49 -31.93 -6.78
C GLU B 173 12.44 -31.02 -8.01
N PHE B 174 11.68 -29.93 -7.92
CA PHE B 174 11.51 -29.02 -9.05
C PHE B 174 12.87 -28.51 -9.53
N LEU B 175 13.72 -28.08 -8.59
CA LEU B 175 14.99 -27.47 -8.96
C LEU B 175 16.00 -28.47 -9.52
N LYS B 176 15.76 -29.77 -9.37
CA LYS B 176 16.66 -30.75 -9.98
C LYS B 176 16.55 -30.69 -11.50
N GLU B 177 15.33 -30.57 -12.02
CA GLU B 177 15.08 -30.48 -13.45
C GLU B 177 15.07 -29.04 -13.96
N ASN B 178 14.71 -28.07 -13.12
CA ASN B 178 14.67 -26.65 -13.51
C ASN B 178 15.45 -25.85 -12.49
N PRO B 179 16.78 -25.88 -12.57
CA PRO B 179 17.61 -25.19 -11.56
C PRO B 179 17.38 -23.71 -11.47
N GLU B 180 16.84 -23.08 -12.51
CA GLU B 180 16.63 -21.64 -12.47
C GLU B 180 15.36 -21.27 -11.70
N GLY B 181 14.53 -22.24 -11.36
CA GLY B 181 13.31 -21.97 -10.64
C GLY B 181 12.27 -21.30 -11.51
N GLU B 182 11.31 -20.65 -10.86
CA GLU B 182 10.24 -19.94 -11.55
C GLU B 182 10.56 -18.45 -11.59
N ASN B 183 9.96 -17.77 -12.55
CA ASN B 183 10.19 -16.34 -12.74
C ASN B 183 9.72 -15.57 -11.51
N VAL B 184 10.66 -14.88 -10.86
CA VAL B 184 10.36 -14.26 -9.56
C VAL B 184 9.33 -13.15 -9.72
N PHE B 185 9.36 -12.42 -10.83
CA PHE B 185 8.42 -11.32 -11.03
C PHE B 185 6.98 -11.81 -11.21
N GLU B 186 6.79 -13.07 -11.57
CA GLU B 186 5.46 -13.60 -11.86
C GLU B 186 4.82 -14.35 -10.71
N ILE B 187 5.49 -14.47 -9.56
CA ILE B 187 4.90 -15.21 -8.45
C ILE B 187 3.80 -14.37 -7.81
N GLU B 188 2.59 -14.91 -7.76
CA GLU B 188 1.41 -14.19 -7.27
C GLU B 188 0.55 -15.21 -6.53
N PRO B 189 -0.20 -14.79 -5.50
CA PRO B 189 -1.22 -15.68 -4.93
C PRO B 189 -2.22 -16.09 -6.01
N ILE B 190 -2.80 -17.27 -5.83
CA ILE B 190 -3.91 -17.72 -6.66
C ILE B 190 -5.15 -16.93 -6.30
N TYR B 191 -5.79 -16.34 -7.31
CA TYR B 191 -7.03 -15.62 -7.10
C TYR B 191 -8.15 -16.43 -7.75
N VAL B 192 -9.16 -16.79 -6.97
CA VAL B 192 -10.30 -17.54 -7.47
C VAL B 192 -11.45 -16.61 -7.82
N LYS B 193 -11.78 -15.66 -6.94
CA LYS B 193 -12.80 -14.65 -7.10
C LYS B 193 -12.23 -13.38 -7.72
N PRO B 194 -13.09 -12.56 -8.34
CA PRO B 194 -12.63 -11.28 -8.91
C PRO B 194 -12.50 -10.21 -7.84
N PRO B 195 -11.87 -9.06 -8.13
CA PRO B 195 -11.65 -8.03 -7.11
C PRO B 195 -12.93 -7.29 -6.66
#